data_1A1E
#
_entry.id   1A1E
#
_cell.length_a   51.600
_cell.length_b   67.200
_cell.length_c   75.200
_cell.angle_alpha   90.00
_cell.angle_beta   90.00
_cell.angle_gamma   90.00
#
_symmetry.space_group_name_H-M   'P 21 21 21'
#
loop_
_entity.id
_entity.type
_entity.pdbx_description
1 polymer 'C-SRC TYROSINE KINASE'
2 polymer ACE-PHOSPHOTYR-GLU-(3-BUTYLPIPERIDINE)
3 water water
#
loop_
_entity_poly.entity_id
_entity_poly.type
_entity_poly.pdbx_seq_one_letter_code
_entity_poly.pdbx_strand_id
1 'polypeptide(L)'
;MDSIQAEEWYFGKITRRESERLLLNAENPRGTFLVRESETTKGAYCLSVSDFDNAKGLNVKHYKIRKLDSGGFYITSRTQ
FNSLQQLVAYYSKHADGLCHRLTTVCP
;
A,B
2 'polypeptide(L)' (ACE)(PTR)E(DIY) C,D
#
# COMPACT_ATOMS: atom_id res chain seq x y z
N ILE A 4 -20.39 10.11 -10.77
CA ILE A 4 -19.70 9.10 -9.97
C ILE A 4 -19.39 9.51 -8.52
N GLN A 5 -19.43 10.78 -8.11
CA GLN A 5 -19.09 11.18 -6.75
C GLN A 5 -20.03 10.62 -5.68
N ALA A 6 -21.23 10.27 -6.10
CA ALA A 6 -22.25 9.69 -5.26
C ALA A 6 -22.46 8.20 -5.42
N GLU A 7 -21.65 7.50 -6.23
CA GLU A 7 -21.75 6.05 -6.31
C GLU A 7 -21.38 5.43 -4.99
N GLU A 8 -22.16 4.45 -4.60
CA GLU A 8 -21.97 3.76 -3.34
C GLU A 8 -20.61 3.04 -3.23
N TRP A 9 -20.13 2.56 -4.37
CA TRP A 9 -18.88 1.87 -4.39
C TRP A 9 -17.73 2.82 -4.68
N TYR A 10 -17.91 4.11 -5.03
CA TYR A 10 -16.81 4.98 -5.36
C TYR A 10 -16.37 5.73 -4.12
N PHE A 11 -15.06 5.59 -3.76
CA PHE A 11 -14.52 6.24 -2.60
C PHE A 11 -13.53 7.36 -2.83
N GLY A 12 -13.59 7.97 -4.01
CA GLY A 12 -12.81 9.17 -4.34
C GLY A 12 -11.28 9.07 -4.20
N LYS A 13 -10.72 10.06 -3.52
CA LYS A 13 -9.32 10.21 -3.30
C LYS A 13 -8.82 9.61 -2.01
N ILE A 14 -9.47 8.64 -1.36
CA ILE A 14 -8.91 8.05 -0.16
C ILE A 14 -7.55 7.40 -0.47
N THR A 15 -6.71 7.22 0.53
CA THR A 15 -5.37 6.73 0.23
C THR A 15 -5.36 5.23 0.18
N ARG A 16 -4.29 4.65 -0.34
CA ARG A 16 -4.14 3.23 -0.39
C ARG A 16 -4.23 2.65 1.02
N ARG A 17 -3.62 3.36 1.92
CA ARG A 17 -3.64 2.94 3.30
C ARG A 17 -5.05 2.97 3.92
N GLU A 18 -5.84 4.03 3.68
CA GLU A 18 -7.18 4.15 4.24
C GLU A 18 -8.11 3.09 3.62
N SER A 19 -7.92 2.73 2.34
CA SER A 19 -8.75 1.72 1.70
C SER A 19 -8.58 0.36 2.38
N GLU A 20 -7.34 0.02 2.72
CA GLU A 20 -7.06 -1.21 3.39
C GLU A 20 -7.65 -1.14 4.78
N ARG A 21 -7.58 0.00 5.49
CA ARG A 21 -8.21 0.09 6.80
C ARG A 21 -9.72 -0.16 6.65
N LEU A 22 -10.40 0.40 5.66
CA LEU A 22 -11.79 0.10 5.42
C LEU A 22 -12.06 -1.35 5.09
N LEU A 23 -11.33 -1.99 4.18
CA LEU A 23 -11.60 -3.36 3.77
C LEU A 23 -11.23 -4.54 4.69
N LEU A 24 -10.17 -4.36 5.47
CA LEU A 24 -9.70 -5.39 6.36
C LEU A 24 -10.49 -5.44 7.67
N ASN A 25 -11.65 -6.03 7.64
CA ASN A 25 -12.48 -6.11 8.83
C ASN A 25 -13.36 -7.32 8.73
N ALA A 26 -13.48 -8.00 9.86
CA ALA A 26 -14.27 -9.19 10.01
C ALA A 26 -15.67 -9.21 9.41
N GLU A 27 -16.32 -8.03 9.34
CA GLU A 27 -17.65 -7.96 8.78
C GLU A 27 -17.75 -8.00 7.28
N ASN A 28 -16.58 -7.98 6.63
CA ASN A 28 -16.53 -7.97 5.19
C ASN A 28 -16.23 -9.32 4.54
N PRO A 29 -17.06 -9.81 3.59
CA PRO A 29 -16.95 -11.06 2.82
C PRO A 29 -15.73 -10.94 1.90
N ARG A 30 -15.10 -12.04 1.53
CA ARG A 30 -14.06 -11.95 0.53
C ARG A 30 -14.74 -11.39 -0.69
N GLY A 31 -14.13 -10.46 -1.36
CA GLY A 31 -14.76 -9.88 -2.53
C GLY A 31 -15.37 -8.55 -2.13
N THR A 32 -15.26 -8.02 -0.92
CA THR A 32 -15.73 -6.66 -0.67
C THR A 32 -14.75 -5.76 -1.39
N PHE A 33 -15.25 -4.72 -2.02
CA PHE A 33 -14.45 -3.82 -2.82
C PHE A 33 -14.82 -2.34 -2.75
N LEU A 34 -13.93 -1.54 -3.36
CA LEU A 34 -14.20 -0.15 -3.59
C LEU A 34 -13.41 0.27 -4.80
N VAL A 35 -13.84 1.32 -5.47
CA VAL A 35 -13.07 1.94 -6.54
C VAL A 35 -12.57 3.31 -6.02
N ARG A 36 -11.37 3.77 -6.34
CA ARG A 36 -10.84 5.05 -5.85
C ARG A 36 -9.89 5.57 -6.92
N GLU A 37 -9.37 6.75 -6.72
CA GLU A 37 -8.34 7.24 -7.58
C GLU A 37 -7.03 6.59 -7.12
N SER A 38 -6.15 6.36 -8.10
CA SER A 38 -4.85 5.84 -7.80
C SER A 38 -4.06 7.04 -7.26
N GLU A 39 -3.45 6.94 -6.07
CA GLU A 39 -2.60 8.02 -5.52
C GLU A 39 -1.32 8.24 -6.37
N THR A 40 -0.77 7.11 -6.72
CA THR A 40 0.46 6.91 -7.41
C THR A 40 0.34 7.10 -8.91
N THR A 41 -0.75 7.06 -9.67
CA THR A 41 -0.70 7.16 -11.11
C THR A 41 -1.87 8.11 -11.35
N LYS A 42 -1.59 9.37 -11.61
CA LYS A 42 -2.69 10.31 -11.84
C LYS A 42 -3.36 9.90 -13.12
N GLY A 43 -4.66 10.02 -13.05
CA GLY A 43 -5.46 9.59 -14.17
C GLY A 43 -5.81 8.11 -14.16
N ALA A 44 -5.32 7.23 -13.29
CA ALA A 44 -5.78 5.87 -13.28
C ALA A 44 -6.63 5.69 -12.01
N TYR A 45 -7.48 4.67 -11.96
CA TYR A 45 -8.29 4.34 -10.81
C TYR A 45 -7.75 3.13 -10.13
N CYS A 46 -8.40 2.64 -9.08
CA CYS A 46 -7.95 1.43 -8.46
C CYS A 46 -9.12 0.66 -7.90
N LEU A 47 -9.15 -0.66 -8.10
CA LEU A 47 -10.16 -1.53 -7.58
C LEU A 47 -9.49 -2.25 -6.46
N SER A 48 -9.91 -2.01 -5.20
CA SER A 48 -9.32 -2.63 -4.02
C SER A 48 -10.31 -3.70 -3.56
N VAL A 49 -9.85 -4.94 -3.35
CA VAL A 49 -10.70 -6.10 -3.09
C VAL A 49 -10.17 -6.83 -1.87
N SER A 50 -11.05 -7.16 -0.92
CA SER A 50 -10.64 -7.91 0.26
C SER A 50 -10.59 -9.38 -0.13
N ASP A 51 -9.69 -10.06 0.54
CA ASP A 51 -9.53 -11.46 0.28
C ASP A 51 -8.93 -12.04 1.54
N PHE A 52 -8.84 -13.35 1.58
CA PHE A 52 -8.15 -13.98 2.67
C PHE A 52 -7.91 -15.42 2.29
N ASP A 53 -6.81 -15.78 2.94
CA ASP A 53 -6.27 -17.12 2.95
C ASP A 53 -6.02 -17.52 4.40
N ASN A 54 -5.91 -18.83 4.63
CA ASN A 54 -5.61 -19.36 5.95
C ASN A 54 -4.14 -19.15 6.32
N ALA A 55 -3.28 -18.72 5.40
CA ALA A 55 -1.89 -18.50 5.74
C ALA A 55 -1.71 -17.06 6.18
N LYS A 56 -1.89 -16.04 5.34
CA LYS A 56 -1.76 -14.65 5.73
C LYS A 56 -3.07 -14.09 6.33
N GLY A 57 -4.25 -14.73 6.35
CA GLY A 57 -5.44 -14.13 6.94
C GLY A 57 -6.09 -13.15 5.97
N LEU A 58 -6.66 -12.05 6.42
CA LEU A 58 -7.30 -11.10 5.52
C LEU A 58 -6.25 -10.17 4.90
N ASN A 59 -6.34 -9.85 3.61
CA ASN A 59 -5.40 -8.99 2.89
C ASN A 59 -6.18 -8.39 1.76
N VAL A 60 -5.70 -7.25 1.26
CA VAL A 60 -6.35 -6.48 0.20
C VAL A 60 -5.52 -6.59 -1.08
N LYS A 61 -6.07 -6.81 -2.25
CA LYS A 61 -5.34 -6.83 -3.50
C LYS A 61 -5.70 -5.55 -4.20
N HIS A 62 -4.80 -4.80 -4.83
CA HIS A 62 -5.14 -3.60 -5.55
C HIS A 62 -4.91 -3.78 -7.04
N TYR A 63 -5.87 -3.53 -7.91
CA TYR A 63 -5.77 -3.70 -9.32
C TYR A 63 -5.88 -2.32 -9.93
N LYS A 64 -4.92 -1.83 -10.70
CA LYS A 64 -5.04 -0.53 -11.33
C LYS A 64 -6.09 -0.53 -12.44
N ILE A 65 -6.84 0.55 -12.66
CA ILE A 65 -7.81 0.66 -13.75
C ILE A 65 -7.30 1.82 -14.60
N ARG A 66 -6.97 1.51 -15.84
CA ARG A 66 -6.48 2.49 -16.76
C ARG A 66 -7.60 3.02 -17.61
N LYS A 67 -7.52 4.29 -17.91
CA LYS A 67 -8.46 4.97 -18.72
C LYS A 67 -7.97 5.07 -20.17
N LEU A 68 -8.66 4.50 -21.14
CA LEU A 68 -8.29 4.65 -22.54
C LEU A 68 -8.65 6.07 -22.97
N ASP A 69 -7.90 6.56 -23.97
CA ASP A 69 -8.10 7.90 -24.54
C ASP A 69 -9.47 8.00 -25.24
N SER A 70 -9.98 6.89 -25.75
CA SER A 70 -11.30 6.84 -26.37
C SER A 70 -12.46 6.78 -25.36
N GLY A 71 -12.24 6.79 -24.03
CA GLY A 71 -13.32 6.77 -23.07
C GLY A 71 -13.35 5.59 -22.11
N GLY A 72 -13.10 4.40 -22.64
CA GLY A 72 -13.13 3.18 -21.87
C GLY A 72 -12.16 3.01 -20.72
N PHE A 73 -12.28 1.83 -20.10
CA PHE A 73 -11.55 1.43 -18.88
C PHE A 73 -11.15 -0.03 -18.96
N TYR A 74 -10.04 -0.46 -18.34
CA TYR A 74 -9.69 -1.87 -18.41
C TYR A 74 -8.79 -2.23 -17.26
N ILE A 75 -8.76 -3.50 -16.90
CA ILE A 75 -7.82 -4.05 -15.96
C ILE A 75 -7.04 -5.05 -16.81
N THR A 76 -7.62 -5.79 -17.79
CA THR A 76 -6.86 -6.69 -18.65
C THR A 76 -7.20 -6.46 -20.13
N SER A 77 -6.43 -7.09 -21.03
CA SER A 77 -6.64 -7.03 -22.47
C SER A 77 -7.81 -7.91 -22.86
N ARG A 78 -8.29 -8.75 -21.95
CA ARG A 78 -9.44 -9.58 -22.26
C ARG A 78 -10.67 -8.75 -22.58
N THR A 79 -11.10 -7.76 -21.78
CA THR A 79 -12.26 -6.92 -22.07
C THR A 79 -11.99 -5.52 -21.59
N GLN A 80 -12.65 -4.56 -22.20
CA GLN A 80 -12.55 -3.13 -21.95
C GLN A 80 -13.98 -2.72 -21.59
N PHE A 81 -14.26 -1.62 -20.89
CA PHE A 81 -15.63 -1.27 -20.48
C PHE A 81 -15.79 0.19 -20.75
N ASN A 82 -16.99 0.61 -21.07
CA ASN A 82 -17.27 2.00 -21.31
C ASN A 82 -17.43 2.80 -20.05
N SER A 83 -17.58 2.19 -18.86
CA SER A 83 -17.76 2.93 -17.63
C SER A 83 -17.27 2.04 -16.48
N LEU A 84 -16.97 2.69 -15.37
CA LEU A 84 -16.62 2.01 -14.15
C LEU A 84 -17.82 1.23 -13.65
N GLN A 85 -19.04 1.66 -13.96
CA GLN A 85 -20.25 0.94 -13.61
C GLN A 85 -20.22 -0.40 -14.33
N GLN A 86 -19.90 -0.40 -15.62
CA GLN A 86 -19.77 -1.63 -16.41
C GLN A 86 -18.69 -2.60 -15.94
N LEU A 87 -17.55 -2.03 -15.57
CA LEU A 87 -16.46 -2.81 -15.06
C LEU A 87 -16.89 -3.48 -13.79
N VAL A 88 -17.48 -2.73 -12.83
CA VAL A 88 -17.93 -3.28 -11.54
C VAL A 88 -18.96 -4.38 -11.71
N ALA A 89 -19.92 -4.19 -12.59
CA ALA A 89 -20.87 -5.23 -12.85
C ALA A 89 -20.18 -6.46 -13.47
N TYR A 90 -19.24 -6.32 -14.42
CA TYR A 90 -18.61 -7.47 -15.01
C TYR A 90 -17.81 -8.26 -13.99
N TYR A 91 -17.03 -7.63 -13.13
CA TYR A 91 -16.29 -8.42 -12.16
C TYR A 91 -17.14 -8.92 -11.00
N SER A 92 -18.42 -8.53 -10.90
CA SER A 92 -19.31 -9.14 -9.91
C SER A 92 -19.83 -10.49 -10.43
N LYS A 93 -19.96 -10.64 -11.76
CA LYS A 93 -20.39 -11.92 -12.30
C LYS A 93 -19.15 -12.73 -12.63
N HIS A 94 -17.95 -12.15 -12.84
CA HIS A 94 -16.76 -12.94 -13.20
C HIS A 94 -15.45 -12.44 -12.60
N ALA A 95 -14.72 -13.23 -11.82
CA ALA A 95 -13.45 -12.78 -11.30
C ALA A 95 -12.45 -12.45 -12.43
N ASP A 96 -12.37 -13.37 -13.42
CA ASP A 96 -11.65 -13.19 -14.66
C ASP A 96 -10.30 -12.49 -14.55
N GLY A 97 -9.53 -13.08 -13.64
CA GLY A 97 -8.19 -12.63 -13.29
C GLY A 97 -8.05 -12.22 -11.84
N LEU A 98 -9.07 -11.58 -11.28
CA LEU A 98 -9.05 -11.09 -9.92
C LEU A 98 -9.05 -12.23 -8.91
N CYS A 99 -8.54 -11.93 -7.72
CA CYS A 99 -8.52 -12.90 -6.62
C CYS A 99 -9.93 -13.45 -6.30
N HIS A 100 -11.01 -12.69 -6.49
CA HIS A 100 -12.32 -13.17 -6.17
C HIS A 100 -13.26 -12.24 -6.90
N ARG A 101 -14.43 -12.69 -7.34
CA ARG A 101 -15.39 -11.78 -7.94
C ARG A 101 -15.86 -10.82 -6.87
N LEU A 102 -16.35 -9.70 -7.34
CA LEU A 102 -16.76 -8.64 -6.46
C LEU A 102 -18.08 -9.08 -5.83
N THR A 103 -18.13 -9.16 -4.50
CA THR A 103 -19.34 -9.54 -3.82
C THR A 103 -20.02 -8.37 -3.09
N THR A 104 -19.35 -7.69 -2.16
CA THR A 104 -20.00 -6.71 -1.31
C THR A 104 -19.46 -5.29 -1.57
N VAL A 105 -20.25 -4.23 -1.88
CA VAL A 105 -19.73 -2.87 -1.93
C VAL A 105 -19.25 -2.59 -0.49
N CYS A 106 -18.06 -2.02 -0.34
CA CYS A 106 -17.51 -1.73 0.96
C CYS A 106 -18.42 -0.73 1.67
N PRO A 107 -18.81 -1.01 2.93
CA PRO A 107 -19.65 -0.13 3.77
C PRO A 107 -19.00 1.24 3.98
N ILE B 4 1.55 -9.01 10.87
CA ILE B 4 2.07 -7.76 10.36
C ILE B 4 1.29 -7.34 9.13
N GLN B 5 0.58 -8.19 8.35
CA GLN B 5 -0.26 -7.72 7.22
C GLN B 5 -1.27 -6.61 7.61
N ALA B 6 -1.55 -6.70 8.92
CA ALA B 6 -2.37 -5.81 9.74
C ALA B 6 -1.70 -4.76 10.69
N GLU B 7 -0.49 -4.28 10.39
CA GLU B 7 0.19 -3.20 11.12
C GLU B 7 -0.09 -1.90 10.42
N GLU B 8 -0.38 -0.74 10.99
CA GLU B 8 -0.66 0.43 10.16
C GLU B 8 0.46 0.80 9.16
N TRP B 9 1.72 0.70 9.60
CA TRP B 9 2.91 1.08 8.83
C TRP B 9 3.43 0.07 7.83
N TYR B 10 2.91 -1.16 7.81
CA TYR B 10 3.40 -2.20 6.95
C TYR B 10 2.70 -2.13 5.62
N PHE B 11 3.37 -1.65 4.57
CA PHE B 11 2.74 -1.60 3.26
C PHE B 11 2.99 -2.81 2.38
N GLY B 12 3.53 -3.90 2.91
CA GLY B 12 3.71 -5.11 2.15
C GLY B 12 4.66 -4.95 0.98
N LYS B 13 4.36 -5.68 -0.08
CA LYS B 13 5.19 -5.67 -1.25
C LYS B 13 4.94 -4.56 -2.26
N ILE B 14 5.11 -3.30 -1.89
CA ILE B 14 5.00 -2.21 -2.83
C ILE B 14 6.41 -2.03 -3.39
N THR B 15 6.59 -1.34 -4.51
CA THR B 15 7.92 -1.17 -5.05
C THR B 15 8.57 0.08 -4.48
N ARG B 16 9.84 0.28 -4.75
CA ARG B 16 10.52 1.47 -4.34
C ARG B 16 9.88 2.70 -4.99
N ARG B 17 9.46 2.62 -6.26
CA ARG B 17 8.84 3.78 -6.91
C ARG B 17 7.52 4.11 -6.20
N GLU B 18 6.66 3.10 -5.95
CA GLU B 18 5.38 3.23 -5.30
C GLU B 18 5.59 3.92 -3.97
N SER B 19 6.51 3.46 -3.07
CA SER B 19 6.78 4.12 -1.79
C SER B 19 7.32 5.52 -1.91
N GLU B 20 8.08 5.85 -2.96
CA GLU B 20 8.58 7.17 -3.08
C GLU B 20 7.44 8.02 -3.54
N ARG B 21 6.47 7.46 -4.30
CA ARG B 21 5.28 8.18 -4.75
C ARG B 21 4.37 8.39 -3.57
N LEU B 22 4.08 7.38 -2.76
CA LEU B 22 3.27 7.55 -1.58
C LEU B 22 3.82 8.49 -0.55
N LEU B 23 5.15 8.51 -0.35
CA LEU B 23 5.80 9.40 0.62
C LEU B 23 6.13 10.86 0.23
N LEU B 24 6.47 11.20 -1.03
CA LEU B 24 6.84 12.56 -1.41
C LEU B 24 5.62 13.40 -1.56
N ASN B 25 5.42 14.00 -0.41
CA ASN B 25 4.32 14.89 -0.20
C ASN B 25 4.75 15.94 0.84
N ALA B 26 4.69 17.22 0.42
CA ALA B 26 5.09 18.36 1.25
C ALA B 26 4.13 18.77 2.37
N GLU B 27 2.98 18.12 2.40
CA GLU B 27 2.04 18.31 3.49
C GLU B 27 2.44 17.35 4.60
N ASN B 28 3.27 16.31 4.37
CA ASN B 28 3.67 15.34 5.42
C ASN B 28 4.87 15.81 6.19
N PRO B 29 5.00 15.54 7.48
CA PRO B 29 6.16 15.95 8.25
C PRO B 29 7.37 15.07 7.96
N ARG B 30 8.60 15.54 8.14
CA ARG B 30 9.72 14.63 7.90
C ARG B 30 9.79 13.53 8.96
N GLY B 31 10.20 12.36 8.51
CA GLY B 31 10.22 11.22 9.38
C GLY B 31 8.94 10.43 9.06
N THR B 32 8.02 10.81 8.16
CA THR B 32 6.87 10.00 7.81
C THR B 32 7.43 8.72 7.19
N PHE B 33 6.89 7.53 7.45
CA PHE B 33 7.53 6.35 6.95
C PHE B 33 6.55 5.25 6.58
N LEU B 34 7.09 4.15 6.04
CA LEU B 34 6.36 2.92 5.77
C LEU B 34 7.39 1.79 5.74
N VAL B 35 7.02 0.54 6.00
CA VAL B 35 7.91 -0.61 5.99
C VAL B 35 7.33 -1.43 4.85
N ARG B 36 8.19 -1.89 3.96
CA ARG B 36 7.76 -2.66 2.84
C ARG B 36 8.80 -3.72 2.63
N GLU B 37 8.55 -4.64 1.74
CA GLU B 37 9.51 -5.68 1.42
C GLU B 37 10.53 -5.20 0.41
N SER B 38 11.76 -5.68 0.50
CA SER B 38 12.76 -5.26 -0.45
C SER B 38 12.49 -5.98 -1.76
N GLU B 39 12.41 -5.26 -2.87
CA GLU B 39 12.27 -5.88 -4.20
C GLU B 39 13.53 -6.75 -4.50
N THR B 40 14.66 -6.10 -4.16
CA THR B 40 16.04 -6.56 -4.27
C THR B 40 16.59 -7.69 -3.40
N THR B 41 16.39 -7.71 -2.08
CA THR B 41 17.03 -8.74 -1.30
C THR B 41 15.88 -9.57 -0.81
N LYS B 42 15.91 -10.79 -1.28
CA LYS B 42 14.91 -11.75 -0.93
C LYS B 42 15.08 -11.99 0.57
N GLY B 43 13.98 -11.65 1.24
CA GLY B 43 13.83 -11.81 2.67
C GLY B 43 14.10 -10.55 3.51
N ALA B 44 14.39 -9.43 2.84
CA ALA B 44 14.74 -8.23 3.57
C ALA B 44 13.57 -7.29 3.47
N TYR B 45 13.56 -6.40 4.43
CA TYR B 45 12.56 -5.37 4.46
C TYR B 45 13.25 -4.08 4.20
N CYS B 46 12.46 -3.06 4.05
CA CYS B 46 12.98 -1.75 3.80
C CYS B 46 12.13 -0.78 4.64
N LEU B 47 12.79 0.23 5.19
CA LEU B 47 12.15 1.31 5.93
C LEU B 47 12.39 2.55 5.07
N SER B 48 11.35 3.06 4.35
CA SER B 48 11.45 4.26 3.54
C SER B 48 10.92 5.39 4.41
N VAL B 49 11.65 6.50 4.51
CA VAL B 49 11.40 7.63 5.41
C VAL B 49 11.47 8.94 4.62
N SER B 50 10.58 9.94 4.65
CA SER B 50 10.82 11.15 3.86
C SER B 50 11.69 12.07 4.72
N ASP B 51 12.45 12.93 4.07
CA ASP B 51 13.34 13.81 4.77
C ASP B 51 13.33 15.12 4.01
N PHE B 52 13.95 16.16 4.52
CA PHE B 52 14.03 17.40 3.76
C PHE B 52 15.40 18.01 4.01
N ASP B 53 16.10 18.23 2.91
CA ASP B 53 17.44 18.81 2.89
C ASP B 53 17.23 20.07 2.11
N ASN B 54 17.64 21.24 2.64
CA ASN B 54 17.51 22.56 1.98
C ASN B 54 17.74 22.63 0.46
N ALA B 55 18.72 21.83 0.03
CA ALA B 55 19.13 21.69 -1.36
C ALA B 55 18.27 20.66 -2.14
N LYS B 56 18.23 19.44 -1.57
CA LYS B 56 17.56 18.31 -2.22
C LYS B 56 16.05 18.39 -2.10
N GLY B 57 15.59 19.28 -1.21
CA GLY B 57 14.19 19.42 -0.89
C GLY B 57 13.74 18.15 -0.19
N LEU B 58 12.55 17.75 -0.59
CA LEU B 58 11.90 16.55 -0.15
C LEU B 58 12.55 15.35 -0.80
N ASN B 59 12.94 14.33 -0.03
CA ASN B 59 13.56 13.14 -0.57
C ASN B 59 13.18 12.04 0.38
N VAL B 60 13.12 10.86 -0.15
CA VAL B 60 12.83 9.70 0.64
C VAL B 60 14.14 8.92 0.82
N LYS B 61 14.52 8.33 1.94
CA LYS B 61 15.73 7.51 2.09
C LYS B 61 15.21 6.09 2.31
N HIS B 62 15.92 5.06 1.89
CA HIS B 62 15.51 3.67 2.00
C HIS B 62 16.58 2.99 2.83
N TYR B 63 16.24 2.38 3.96
CA TYR B 63 17.14 1.65 4.84
C TYR B 63 16.81 0.15 4.73
N LYS B 64 17.70 -0.77 4.35
CA LYS B 64 17.37 -2.17 4.23
C LYS B 64 17.26 -2.71 5.66
N ILE B 65 16.43 -3.73 5.93
CA ILE B 65 16.27 -4.26 7.28
C ILE B 65 16.52 -5.74 7.02
N ARG B 66 17.54 -6.35 7.61
CA ARG B 66 17.89 -7.76 7.41
C ARG B 66 17.43 -8.60 8.57
N LYS B 67 16.98 -9.77 8.21
CA LYS B 67 16.42 -10.67 9.20
C LYS B 67 17.60 -11.57 9.58
N LEU B 68 18.10 -11.63 10.81
CA LEU B 68 19.13 -12.56 11.19
C LEU B 68 18.61 -14.00 11.10
N ASP B 69 19.46 -14.99 10.82
CA ASP B 69 19.01 -16.37 10.63
C ASP B 69 18.17 -16.91 11.81
N SER B 70 18.60 -16.62 13.05
CA SER B 70 17.83 -16.92 14.27
C SER B 70 16.42 -16.28 14.29
N GLY B 71 16.25 -15.07 13.70
CA GLY B 71 14.95 -14.42 13.61
C GLY B 71 14.98 -12.90 13.70
N GLY B 72 15.88 -12.36 14.53
CA GLY B 72 16.06 -10.93 14.75
C GLY B 72 16.14 -10.06 13.49
N PHE B 73 16.12 -8.74 13.65
CA PHE B 73 16.13 -7.73 12.58
C PHE B 73 17.12 -6.60 12.88
N TYR B 74 17.80 -6.02 11.91
CA TYR B 74 18.75 -4.95 12.20
C TYR B 74 18.90 -4.05 10.97
N ILE B 75 19.15 -2.79 11.28
CA ILE B 75 19.54 -1.81 10.30
C ILE B 75 21.05 -1.58 10.62
N THR B 76 21.57 -1.59 11.86
CA THR B 76 22.97 -1.33 12.16
C THR B 76 23.48 -2.31 13.20
N SER B 77 24.76 -2.26 13.57
CA SER B 77 25.32 -3.25 14.50
C SER B 77 25.07 -2.90 15.95
N ARG B 78 24.73 -1.63 16.13
CA ARG B 78 24.43 -1.10 17.44
C ARG B 78 23.26 -1.82 18.16
N THR B 79 22.18 -2.16 17.44
CA THR B 79 20.98 -2.76 17.98
C THR B 79 20.33 -3.74 17.02
N GLN B 80 19.68 -4.77 17.54
CA GLN B 80 18.93 -5.76 16.77
C GLN B 80 17.60 -5.81 17.52
N PHE B 81 16.52 -6.24 16.87
CA PHE B 81 15.21 -6.26 17.47
C PHE B 81 14.65 -7.64 17.28
N ASN B 82 13.87 -8.15 18.25
CA ASN B 82 13.33 -9.48 17.99
C ASN B 82 12.12 -9.38 17.13
N SER B 83 11.54 -8.20 16.90
CA SER B 83 10.48 -8.11 15.92
C SER B 83 10.51 -6.82 15.14
N LEU B 84 9.78 -6.78 14.04
CA LEU B 84 9.67 -5.56 13.26
C LEU B 84 8.97 -4.47 13.99
N GLN B 85 8.03 -4.80 14.87
CA GLN B 85 7.34 -3.75 15.60
C GLN B 85 8.27 -3.17 16.64
N GLN B 86 9.16 -3.94 17.27
CA GLN B 86 10.12 -3.35 18.21
C GLN B 86 11.12 -2.41 17.53
N LEU B 87 11.52 -2.76 16.30
CA LEU B 87 12.35 -1.88 15.52
C LEU B 87 11.59 -0.57 15.20
N VAL B 88 10.34 -0.52 14.71
CA VAL B 88 9.69 0.74 14.42
C VAL B 88 9.54 1.55 15.70
N ALA B 89 9.21 0.86 16.79
CA ALA B 89 9.06 1.50 18.11
C ALA B 89 10.34 2.16 18.60
N TYR B 90 11.48 1.45 18.52
CA TYR B 90 12.75 2.01 18.90
C TYR B 90 13.10 3.24 18.06
N TYR B 91 13.02 3.18 16.72
CA TYR B 91 13.42 4.29 15.86
C TYR B 91 12.48 5.44 15.84
N SER B 92 11.25 5.25 16.33
CA SER B 92 10.33 6.36 16.56
C SER B 92 10.82 7.15 17.77
N LYS B 93 11.50 6.52 18.74
CA LYS B 93 12.04 7.24 19.89
C LYS B 93 13.47 7.70 19.60
N HIS B 94 14.31 6.98 18.85
CA HIS B 94 15.72 7.29 18.60
C HIS B 94 16.09 7.17 17.13
N ALA B 95 16.53 8.20 16.39
CA ALA B 95 16.90 8.03 15.00
C ALA B 95 18.12 7.15 14.79
N ASP B 96 19.09 7.20 15.72
CA ASP B 96 20.34 6.41 15.72
C ASP B 96 20.96 6.14 14.40
N GLY B 97 21.04 7.16 13.57
CA GLY B 97 21.65 6.98 12.29
C GLY B 97 20.72 7.30 11.16
N LEU B 98 19.41 7.17 11.35
CA LEU B 98 18.47 7.50 10.28
C LEU B 98 18.44 9.02 10.11
N CYS B 99 17.97 9.48 8.94
CA CYS B 99 17.86 10.89 8.66
C CYS B 99 16.95 11.60 9.66
N HIS B 100 15.86 11.01 10.16
CA HIS B 100 14.99 11.66 11.13
C HIS B 100 14.41 10.53 11.97
N ARG B 101 14.07 10.73 13.24
CA ARG B 101 13.33 9.66 13.93
C ARG B 101 12.00 9.50 13.20
N LEU B 102 11.41 8.34 13.25
CA LEU B 102 10.16 8.10 12.57
C LEU B 102 8.98 8.86 13.27
N THR B 103 8.20 9.66 12.53
CA THR B 103 7.11 10.38 13.13
C THR B 103 5.78 9.78 12.70
N THR B 104 5.20 10.20 11.61
CA THR B 104 3.89 9.82 11.16
C THR B 104 3.93 8.57 10.26
N VAL B 105 3.00 7.60 10.28
CA VAL B 105 2.99 6.52 9.33
C VAL B 105 2.46 7.17 8.05
N CYS B 106 2.85 6.71 6.86
CA CYS B 106 2.43 7.25 5.60
C CYS B 106 0.90 7.31 5.55
N PRO B 107 0.29 8.41 5.14
CA PRO B 107 -1.16 8.55 5.03
C PRO B 107 -1.85 7.49 4.18
N GLU C 3 -1.47 -5.43 -8.59
CA GLU C 3 -1.50 -6.76 -9.08
C GLU C 3 -1.24 -6.79 -10.58
N GLU D 3 20.69 3.19 2.02
CA GLU D 3 21.57 4.03 2.78
C GLU D 3 22.53 3.17 3.58
#